data_6T0H
#
_entry.id   6T0H
#
_cell.length_a   51.560
_cell.length_b   74.970
_cell.length_c   56.630
_cell.angle_alpha   90.000
_cell.angle_beta   106.952
_cell.angle_gamma   90.000
#
_symmetry.space_group_name_H-M   'P 1 21 1'
#
loop_
_entity.id
_entity.type
_entity.pdbx_description
1 polymer 'CYP124 in complex with inhibitor carbethoxyhexyl imidazole'
2 non-polymer 'PROTOPORPHYRIN IX CONTAINING FE'
3 non-polymer '1-alpha-hydroxy-vitamin D3'
4 non-polymer GLYCEROL
5 non-polymer 'TRIETHYLENE GLYCOL'
6 non-polymer 'MAGNESIUM ION'
7 non-polymer 'CHLORIDE ION'
8 water water
#
_entity_poly.entity_id   1
_entity_poly.type   'polypeptide(L)'
_entity_poly.pdbx_seq_one_letter_code
;MHHHHHHMGLNTAIATRVNGTPPPEVPIADIELGSLDFWALDDDVRDGAFATLRREAPISFWPTIELPGFVAGNGHWALT
KYDDVFYASRHPDIFSSYPNITINDQTPELAEYFGSMIVLDDPRHQRLRSIVSRAFTPKVVARIEAAVRDRAHRLVSSMI
ANNPDRQADLVSELAGPLPLQIICDMMGIPKADHQRIFHWTNVILGFGDPDLATDFDEFMQVSADIGAYATALAEDRRVN
HHDDLTSSLVEAEVDGERLSSREIASFFILLVVAGNETTRNAITHGVLALSRYPEQRDRWWSDFDGLAPTAVEEIVRWAS
PVVYMRRTLTQDIELRGTKMAAGDKVSLWYCSANRDESKFADPWTFDLARNPNPHLGFGGGGAHFCLGANLARREIRVAF
DELRRQMPDVVATEEPARLLSQFIHGIKTLPVTWS
;
_entity_poly.pdbx_strand_id   A
#
# COMPACT_ATOMS: atom_id res chain seq x y z
CA HIS A 6 15.35 -31.45 10.33
C HIS A 6 13.93 -30.98 10.64
N HIS A 7 13.55 -29.83 10.10
CA HIS A 7 12.25 -29.25 10.39
C HIS A 7 11.14 -29.99 9.65
N MET A 8 9.97 -30.06 10.28
N MET A 8 9.97 -30.05 10.28
CA MET A 8 8.83 -30.71 9.65
CA MET A 8 8.83 -30.70 9.65
C MET A 8 8.36 -29.92 8.44
C MET A 8 8.39 -29.91 8.43
N GLY A 9 7.88 -30.63 7.43
CA GLY A 9 7.34 -30.00 6.24
C GLY A 9 7.99 -30.41 4.94
N LEU A 10 7.81 -29.59 3.90
N LEU A 10 7.76 -29.63 3.89
CA LEU A 10 8.35 -29.90 2.58
CA LEU A 10 8.35 -29.90 2.58
C LEU A 10 9.83 -29.52 2.52
C LEU A 10 9.85 -29.57 2.58
N ASN A 11 10.61 -30.35 1.82
CA ASN A 11 12.07 -30.31 1.96
C ASN A 11 12.70 -28.99 1.50
N THR A 12 12.08 -28.26 0.58
CA THR A 12 12.68 -27.04 0.08
C THR A 12 12.07 -25.80 0.70
N ALA A 13 11.30 -25.94 1.77
CA ALA A 13 10.69 -24.78 2.40
C ALA A 13 11.76 -23.88 2.99
N ILE A 14 11.45 -22.58 3.06
CA ILE A 14 12.35 -21.63 3.68
C ILE A 14 12.48 -21.94 5.16
N ALA A 15 13.52 -21.38 5.76
CA ALA A 15 13.73 -21.51 7.18
C ALA A 15 12.57 -20.90 7.96
N THR A 16 12.19 -21.56 9.04
CA THR A 16 11.26 -20.96 9.98
C THR A 16 12.01 -20.01 10.91
N ARG A 17 11.25 -19.22 11.64
N ARG A 17 11.24 -19.21 11.63
CA ARG A 17 11.80 -18.33 12.64
CA ARG A 17 11.79 -18.29 12.62
C ARG A 17 11.08 -18.53 13.96
C ARG A 17 11.08 -18.52 13.96
N VAL A 18 11.78 -18.14 15.03
CA VAL A 18 11.20 -18.17 16.37
C VAL A 18 10.30 -16.93 16.51
N ASN A 19 8.99 -17.16 16.63
CA ASN A 19 8.06 -16.05 16.74
C ASN A 19 8.38 -15.25 18.00
N GLY A 20 8.24 -13.92 17.90
CA GLY A 20 8.44 -13.05 19.03
C GLY A 20 9.85 -12.51 19.20
N THR A 21 10.78 -12.94 18.35
CA THR A 21 12.17 -12.52 18.51
C THR A 21 12.32 -11.09 18.02
N PRO A 22 12.76 -10.16 18.87
N PRO A 22 12.74 -10.16 18.88
CA PRO A 22 13.02 -8.81 18.39
CA PRO A 22 12.96 -8.79 18.39
C PRO A 22 14.25 -8.80 17.52
C PRO A 22 14.27 -8.69 17.62
N PRO A 23 14.31 -7.92 16.52
CA PRO A 23 15.57 -7.75 15.81
C PRO A 23 16.52 -6.92 16.61
N PRO A 24 17.83 -7.11 16.47
CA PRO A 24 18.76 -6.21 17.14
C PRO A 24 18.53 -4.77 16.69
N GLU A 25 18.62 -3.83 17.62
CA GLU A 25 18.62 -2.41 17.26
C GLU A 25 19.92 -2.07 16.55
N VAL A 26 19.83 -1.06 15.69
CA VAL A 26 20.86 -0.71 14.73
C VAL A 26 21.48 0.60 15.19
N PRO A 27 22.82 0.75 15.19
CA PRO A 27 23.42 2.03 15.57
C PRO A 27 22.88 3.15 14.69
N ILE A 28 22.53 4.28 15.32
CA ILE A 28 21.86 5.32 14.56
C ILE A 28 22.75 5.87 13.44
N ALA A 29 24.07 5.79 13.58
CA ALA A 29 24.95 6.27 12.51
C ALA A 29 24.79 5.45 11.24
N ASP A 30 24.21 4.26 11.34
CA ASP A 30 24.02 3.38 10.20
C ASP A 30 22.67 3.54 9.53
N ILE A 31 21.88 4.55 9.93
CA ILE A 31 20.53 4.73 9.42
C ILE A 31 20.51 5.96 8.52
N GLU A 32 20.07 5.77 7.27
N GLU A 32 20.06 5.78 7.27
CA GLU A 32 19.94 6.89 6.33
CA GLU A 32 19.95 6.91 6.34
C GLU A 32 18.63 6.71 5.58
C GLU A 32 18.65 6.75 5.57
N LEU A 33 17.58 7.34 6.10
CA LEU A 33 16.27 7.21 5.45
C LEU A 33 16.25 7.90 4.10
N GLY A 34 17.20 8.79 3.84
CA GLY A 34 17.23 9.49 2.57
C GLY A 34 18.19 8.87 1.57
N SER A 35 18.53 7.59 1.75
CA SER A 35 19.37 6.87 0.79
C SER A 35 18.66 5.61 0.34
N LEU A 36 18.63 5.39 -0.98
CA LEU A 36 18.01 4.16 -1.47
C LEU A 36 18.74 2.94 -0.94
N ASP A 37 20.04 3.08 -0.65
CA ASP A 37 20.79 1.94 -0.13
C ASP A 37 20.21 1.43 1.18
N PHE A 38 19.67 2.31 2.02
CA PHE A 38 19.05 1.88 3.26
C PHE A 38 17.83 1.00 2.98
N TRP A 39 17.03 1.38 1.98
CA TRP A 39 15.83 0.63 1.62
C TRP A 39 16.14 -0.72 1.00
N ALA A 40 17.40 -0.94 0.59
CA ALA A 40 17.82 -2.25 0.11
C ALA A 40 18.25 -3.20 1.23
N LEU A 41 18.46 -2.71 2.44
N LEU A 41 18.52 -2.68 2.42
CA LEU A 41 18.71 -3.60 3.56
CA LEU A 41 19.02 -3.49 3.53
C LEU A 41 17.47 -4.44 3.86
C LEU A 41 18.02 -4.58 3.90
N ASP A 42 17.70 -5.62 4.42
N ASP A 42 18.51 -5.59 4.61
CA ASP A 42 16.59 -6.53 4.66
CA ASP A 42 17.64 -6.66 5.07
C ASP A 42 15.72 -6.03 5.81
C ASP A 42 16.52 -6.09 5.95
N ASP A 43 14.57 -6.69 5.98
N ASP A 43 15.32 -6.66 5.79
CA ASP A 43 13.58 -6.20 6.92
CA ASP A 43 14.15 -6.18 6.55
C ASP A 43 14.06 -6.24 8.37
C ASP A 43 14.39 -6.21 8.06
N ASP A 44 14.96 -7.17 8.72
N ASP A 44 15.11 -7.22 8.57
CA ASP A 44 15.44 -7.22 10.09
CA ASP A 44 15.44 -7.22 10.00
C ASP A 44 16.29 -5.99 10.44
C ASP A 44 16.24 -5.98 10.39
N VAL A 45 17.14 -5.55 9.51
CA VAL A 45 17.91 -4.33 9.73
C VAL A 45 17.00 -3.11 9.70
N ARG A 46 16.07 -3.06 8.73
CA ARG A 46 15.13 -1.95 8.67
C ARG A 46 14.31 -1.87 9.94
N ASP A 47 13.78 -3.02 10.40
CA ASP A 47 12.98 -3.04 11.62
C ASP A 47 13.80 -2.58 12.82
N GLY A 48 15.05 -3.04 12.93
CA GLY A 48 15.89 -2.62 14.03
C GLY A 48 16.25 -1.16 13.96
N ALA A 49 16.34 -0.60 12.74
CA ALA A 49 16.63 0.82 12.57
C ALA A 49 15.45 1.66 13.06
N PHE A 50 14.23 1.30 12.67
CA PHE A 50 13.09 2.04 13.20
C PHE A 50 12.96 1.88 14.70
N ALA A 51 13.35 0.73 15.24
CA ALA A 51 13.37 0.57 16.70
C ALA A 51 14.33 1.56 17.34
N THR A 52 15.53 1.70 16.79
CA THR A 52 16.45 2.72 17.28
C THR A 52 15.85 4.13 17.21
N LEU A 53 15.20 4.46 16.10
CA LEU A 53 14.61 5.80 16.00
C LEU A 53 13.52 6.00 17.03
N ARG A 54 12.66 5.01 17.23
CA ARG A 54 11.61 5.20 18.23
C ARG A 54 12.22 5.45 19.61
N ARG A 55 13.33 4.78 19.91
CA ARG A 55 13.97 4.91 21.21
C ARG A 55 14.75 6.22 21.34
N GLU A 56 15.57 6.55 20.34
CA GLU A 56 16.58 7.61 20.44
C GLU A 56 16.20 8.90 19.77
N ALA A 57 15.37 8.87 18.74
CA ALA A 57 15.11 10.06 17.92
C ALA A 57 13.72 9.90 17.33
N PRO A 58 12.69 9.91 18.17
CA PRO A 58 11.34 9.59 17.68
C PRO A 58 10.84 10.58 16.65
N ILE A 59 11.32 11.81 16.69
N ILE A 59 11.33 11.82 16.71
CA ILE A 59 11.17 12.73 15.58
CA ILE A 59 11.12 12.85 15.69
C ILE A 59 12.57 13.13 15.13
C ILE A 59 12.50 13.21 15.17
N SER A 60 12.83 12.99 13.83
N SER A 60 12.78 12.93 13.90
CA SER A 60 14.16 13.13 13.26
CA SER A 60 14.08 13.19 13.29
C SER A 60 14.01 13.67 11.86
C SER A 60 13.89 13.91 11.96
N PHE A 61 14.98 14.46 11.41
CA PHE A 61 14.91 15.12 10.11
C PHE A 61 15.80 14.41 9.11
N TRP A 62 15.32 14.27 7.88
CA TRP A 62 16.04 13.59 6.84
C TRP A 62 15.94 14.33 5.52
N PRO A 63 17.00 14.32 4.74
N PRO A 63 17.03 14.39 4.75
CA PRO A 63 16.91 14.83 3.37
CA PRO A 63 16.92 14.83 3.36
C PRO A 63 16.03 13.90 2.55
C PRO A 63 16.13 13.81 2.55
N THR A 64 15.38 14.47 1.57
N THR A 64 15.60 14.27 1.43
CA THR A 64 14.51 13.70 0.70
CA THR A 64 14.84 13.40 0.52
C THR A 64 15.32 12.94 -0.33
C THR A 64 15.81 12.63 -0.38
N ILE A 65 14.99 11.65 -0.54
N ILE A 65 15.35 11.46 -0.87
CA ILE A 65 15.69 10.87 -1.56
CA ILE A 65 16.20 10.66 -1.75
C ILE A 65 15.51 11.52 -2.92
C ILE A 65 16.26 11.31 -3.12
N GLU A 66 16.56 11.47 -3.73
N GLU A 66 17.45 11.36 -3.69
CA GLU A 66 16.55 11.99 -5.09
CA GLU A 66 17.71 11.98 -4.99
C GLU A 66 16.45 10.80 -6.03
C GLU A 66 18.06 10.88 -5.97
N LEU A 67 15.24 10.52 -6.54
N LEU A 67 17.20 10.68 -6.96
CA LEU A 67 15.08 9.55 -7.62
CA LEU A 67 17.51 9.76 -8.05
C LEU A 67 15.16 10.27 -8.96
C LEU A 67 18.32 10.48 -9.11
N PRO A 68 15.71 9.66 -10.01
N PRO A 68 19.11 9.75 -9.91
CA PRO A 68 15.92 10.40 -11.26
CA PRO A 68 19.95 10.42 -10.91
C PRO A 68 14.64 11.02 -11.79
C PRO A 68 19.14 11.40 -11.75
N GLY A 69 14.70 12.34 -12.02
N GLY A 69 19.70 12.58 -11.95
CA GLY A 69 13.60 13.05 -12.63
CA GLY A 69 19.06 13.62 -12.74
C GLY A 69 12.62 13.65 -11.64
C GLY A 69 17.92 14.33 -12.08
N PHE A 70 12.65 13.19 -10.40
N PHE A 70 17.67 14.09 -10.78
CA PHE A 70 11.81 13.77 -9.36
CA PHE A 70 16.57 14.71 -10.07
C PHE A 70 12.56 14.88 -8.64
C PHE A 70 17.10 15.74 -9.09
N VAL A 71 11.82 15.81 -8.05
N VAL A 71 16.55 16.96 -9.17
CA VAL A 71 12.38 16.95 -7.35
CA VAL A 71 16.90 18.03 -8.24
C VAL A 71 12.32 16.63 -5.87
C VAL A 71 16.44 17.63 -6.85
N ALA A 72 13.47 16.41 -5.24
N ALA A 72 16.93 18.35 -5.85
CA ALA A 72 13.47 16.11 -3.81
CA ALA A 72 16.56 18.12 -4.45
C ALA A 72 12.97 17.32 -3.02
C ALA A 72 15.42 19.07 -4.04
N GLY A 73 13.49 18.49 -3.37
N GLY A 73 14.55 18.57 -3.17
CA GLY A 73 13.21 19.68 -2.60
CA GLY A 73 13.52 19.37 -2.53
C GLY A 73 13.67 19.55 -1.17
C GLY A 73 13.75 19.41 -1.03
N ASN A 74 12.84 20.07 -0.29
CA ASN A 74 13.11 20.14 1.14
C ASN A 74 13.00 18.74 1.77
N GLY A 75 13.71 18.58 2.89
CA GLY A 75 13.68 17.36 3.66
C GLY A 75 12.42 17.27 4.49
N HIS A 76 12.38 16.26 5.36
CA HIS A 76 11.16 15.95 6.09
C HIS A 76 11.46 15.53 7.52
N TRP A 77 10.49 15.82 8.40
CA TRP A 77 10.48 15.37 9.78
C TRP A 77 9.79 14.02 9.85
N ALA A 78 10.52 12.99 10.31
CA ALA A 78 10.02 11.61 10.36
C ALA A 78 9.40 11.32 11.72
N LEU A 79 8.11 11.00 11.71
N LEU A 79 8.13 10.95 11.72
CA LEU A 79 7.38 10.54 12.88
CA LEU A 79 7.39 10.57 12.92
C LEU A 79 7.40 9.02 12.89
C LEU A 79 7.30 9.05 12.97
N THR A 80 8.06 8.44 13.89
CA THR A 80 8.18 6.99 13.98
C THR A 80 7.38 6.38 15.12
N LYS A 81 6.82 7.18 15.99
CA LYS A 81 6.01 6.67 17.09
C LYS A 81 4.53 6.64 16.71
N TYR A 82 3.86 5.59 17.18
CA TYR A 82 2.44 5.41 16.90
C TYR A 82 1.62 6.66 17.27
N ASP A 83 1.84 7.20 18.47
N ASP A 83 1.80 7.17 18.48
CA ASP A 83 0.96 8.27 18.94
CA ASP A 83 0.94 8.26 18.92
C ASP A 83 1.10 9.52 18.10
C ASP A 83 1.06 9.47 18.00
N ASP A 84 2.28 9.78 17.55
CA ASP A 84 2.48 10.94 16.70
C ASP A 84 1.88 10.71 15.31
N VAL A 85 2.03 9.52 14.75
CA VAL A 85 1.41 9.22 13.47
C VAL A 85 -0.11 9.31 13.58
N PHE A 86 -0.67 8.77 14.67
N PHE A 86 -0.67 8.78 14.65
CA PHE A 86 -2.10 8.84 14.91
CA PHE A 86 -2.11 8.86 14.88
C PHE A 86 -2.57 10.28 15.01
C PHE A 86 -2.55 10.30 14.98
N TYR A 87 -1.88 11.09 15.81
CA TYR A 87 -2.22 12.49 15.98
C TYR A 87 -2.16 13.24 14.65
N ALA A 88 -1.07 13.08 13.89
CA ALA A 88 -0.95 13.82 12.64
C ALA A 88 -2.08 13.44 11.70
N SER A 89 -2.40 12.15 11.61
CA SER A 89 -3.46 11.68 10.73
C SER A 89 -4.80 12.33 11.06
N ARG A 90 -5.06 12.55 12.33
N ARG A 90 -5.07 12.54 12.34
CA ARG A 90 -6.37 12.99 12.78
CA ARG A 90 -6.37 13.00 12.80
C ARG A 90 -6.43 14.50 13.00
C ARG A 90 -6.51 14.52 12.81
N HIS A 91 -5.43 15.24 12.50
CA HIS A 91 -5.43 16.69 12.50
C HIS A 91 -5.03 17.23 11.13
N PRO A 92 -5.87 17.00 10.12
CA PRO A 92 -5.52 17.42 8.75
C PRO A 92 -5.50 18.94 8.54
N ASP A 93 -6.18 19.70 9.40
N ASP A 93 -6.26 19.66 9.37
CA ASP A 93 -6.05 21.15 9.26
CA ASP A 93 -6.17 21.10 9.58
C ASP A 93 -4.62 21.58 9.53
C ASP A 93 -4.74 21.62 9.70
N ILE A 94 -3.90 20.84 10.37
CA ILE A 94 -2.51 21.17 10.65
C ILE A 94 -1.57 20.42 9.71
N PHE A 95 -1.85 19.13 9.52
CA PHE A 95 -1.02 18.24 8.70
C PHE A 95 -1.77 18.03 7.38
N SER A 96 -1.51 18.92 6.42
CA SER A 96 -2.25 18.92 5.15
C SER A 96 -1.74 17.85 4.19
N SER A 97 -2.67 17.29 3.37
CA SER A 97 -2.31 16.37 2.28
C SER A 97 -1.93 17.11 1.00
N TYR A 98 -2.09 18.44 0.99
CA TYR A 98 -1.66 19.29 -0.11
C TYR A 98 -0.25 19.82 0.17
N PRO A 99 0.68 19.79 -0.79
CA PRO A 99 0.49 19.49 -2.22
C PRO A 99 0.78 18.05 -2.65
N ASN A 100 1.27 17.20 -1.75
CA ASN A 100 1.64 15.84 -2.13
C ASN A 100 1.72 14.98 -0.87
N ILE A 101 1.58 13.66 -1.07
CA ILE A 101 1.64 12.71 0.03
C ILE A 101 2.82 11.75 -0.05
N THR A 102 3.72 11.93 -1.01
CA THR A 102 5.04 11.36 -0.89
C THR A 102 6.04 12.48 -0.56
N ILE A 103 7.28 12.09 -0.29
N ILE A 103 7.22 12.11 -0.06
CA ILE A 103 8.26 13.03 0.24
CA ILE A 103 8.15 13.15 0.37
C ILE A 103 8.73 14.07 -0.80
C ILE A 103 8.70 13.91 -0.84
N ASN A 104 8.69 13.75 -2.10
N ASN A 104 8.97 13.20 -1.94
CA ASN A 104 9.15 14.66 -3.14
CA ASN A 104 9.44 13.85 -3.14
C ASN A 104 8.14 15.78 -3.42
C ASN A 104 8.43 14.88 -3.60
N ASP A 105 8.62 16.81 -4.13
N ASP A 105 8.91 15.87 -4.32
CA ASP A 105 7.78 17.95 -4.48
CA ASP A 105 8.05 16.84 -4.96
C ASP A 105 6.82 17.61 -5.61
C ASP A 105 7.56 16.27 -6.30
N GLN A 106 5.66 18.26 -5.59
N GLN A 106 6.28 16.50 -6.60
CA GLN A 106 4.72 18.18 -6.69
CA GLN A 106 5.77 16.10 -7.90
C GLN A 106 5.21 19.06 -7.84
C GLN A 106 6.45 16.92 -8.99
N THR A 107 4.83 18.69 -9.05
N THR A 107 6.61 16.29 -10.15
CA THR A 107 5.05 19.52 -10.22
CA THR A 107 7.14 17.07 -11.25
C THR A 107 3.77 19.55 -11.04
C THR A 107 6.02 17.78 -11.98
N PRO A 108 3.58 20.59 -11.86
N PRO A 108 6.24 19.02 -12.41
CA PRO A 108 2.40 20.60 -12.75
CA PRO A 108 5.15 19.75 -13.09
C PRO A 108 2.35 19.36 -13.65
C PRO A 108 4.65 19.05 -14.35
N GLU A 109 3.49 18.92 -14.15
N GLU A 109 5.54 18.36 -15.08
CA GLU A 109 3.51 17.75 -15.04
CA GLU A 109 5.15 17.76 -16.35
C GLU A 109 3.07 16.49 -14.31
C GLU A 109 4.12 16.64 -16.19
N LEU A 110 3.48 16.33 -13.06
N LEU A 110 4.07 15.99 -15.03
CA LEU A 110 3.03 15.15 -12.31
CA LEU A 110 3.11 14.91 -14.79
C LEU A 110 1.57 15.29 -11.91
C LEU A 110 1.99 15.30 -13.84
N ALA A 111 1.12 16.50 -11.55
N ALA A 111 1.93 16.56 -13.41
CA ALA A 111 -0.24 16.67 -11.06
CA ALA A 111 0.96 16.96 -12.39
C ALA A 111 -1.28 16.41 -12.14
C ALA A 111 -0.45 16.57 -12.77
N GLU A 112 -0.91 16.52 -13.41
N GLU A 112 -0.76 16.53 -14.07
CA GLU A 112 -1.83 16.19 -14.50
CA GLU A 112 -2.11 16.21 -14.48
C GLU A 112 -2.40 14.78 -14.36
C GLU A 112 -2.53 14.78 -14.12
N TYR A 113 -1.60 13.87 -13.84
CA TYR A 113 -1.95 12.47 -13.67
C TYR A 113 -2.10 12.07 -12.21
N PHE A 114 -1.56 12.86 -11.29
CA PHE A 114 -1.43 12.45 -9.89
C PHE A 114 -2.03 13.49 -8.95
N GLY A 115 -2.89 14.37 -9.43
N GLY A 115 -2.81 14.42 -9.47
CA GLY A 115 -3.51 15.40 -8.60
CA GLY A 115 -3.53 15.38 -8.67
C GLY A 115 -4.87 15.05 -8.02
C GLY A 115 -4.94 14.90 -8.33
N SER A 116 -5.02 13.80 -7.58
CA SER A 116 -6.31 13.27 -7.17
C SER A 116 -6.66 13.77 -5.77
N MET A 117 -7.75 13.24 -5.24
CA MET A 117 -8.21 13.61 -3.92
C MET A 117 -7.23 13.25 -2.82
N ILE A 118 -6.27 12.34 -3.07
CA ILE A 118 -5.35 11.98 -2.01
C ILE A 118 -4.38 13.12 -1.70
N VAL A 119 -4.25 14.09 -2.63
CA VAL A 119 -3.38 15.24 -2.37
C VAL A 119 -4.21 16.51 -2.20
N LEU A 120 -5.44 16.34 -1.70
CA LEU A 120 -6.30 17.46 -1.41
C LEU A 120 -6.85 17.37 0.01
N ASP A 121 -7.21 18.52 0.56
CA ASP A 121 -7.90 18.60 1.83
C ASP A 121 -9.39 18.82 1.60
N ASP A 122 -10.15 18.63 2.66
CA ASP A 122 -11.56 18.94 2.62
C ASP A 122 -11.74 20.46 2.53
N PRO A 123 -12.86 20.93 1.97
CA PRO A 123 -13.98 20.10 1.52
C PRO A 123 -13.85 19.42 0.16
N ARG A 124 -12.95 19.84 -0.73
N ARG A 124 -12.93 19.85 -0.71
CA ARG A 124 -12.97 19.24 -2.05
CA ARG A 124 -12.91 19.27 -2.06
C ARG A 124 -12.67 17.75 -1.97
C ARG A 124 -12.60 17.77 -2.02
N HIS A 125 -11.73 17.35 -1.12
CA HIS A 125 -11.40 15.94 -0.99
C HIS A 125 -12.65 15.10 -0.75
N GLN A 126 -13.49 15.50 0.19
N GLN A 126 -13.48 15.50 0.22
CA GLN A 126 -14.66 14.68 0.52
CA GLN A 126 -14.68 14.75 0.56
C GLN A 126 -15.72 14.74 -0.57
C GLN A 126 -15.64 14.72 -0.62
N ARG A 127 -15.80 15.86 -1.29
CA ARG A 127 -16.73 15.93 -2.41
C ARG A 127 -16.32 14.97 -3.51
N LEU A 128 -15.02 14.85 -3.77
CA LEU A 128 -14.54 13.87 -4.74
C LEU A 128 -14.76 12.44 -4.23
N ARG A 129 -14.40 12.19 -2.96
CA ARG A 129 -14.49 10.83 -2.43
C ARG A 129 -15.93 10.33 -2.49
N SER A 130 -16.90 11.22 -2.26
N SER A 130 -16.90 11.20 -2.25
CA SER A 130 -18.31 10.87 -2.24
CA SER A 130 -18.30 10.79 -2.23
C SER A 130 -18.82 10.36 -3.57
C SER A 130 -18.80 10.30 -3.58
N ILE A 131 -18.08 10.60 -4.66
CA ILE A 131 -18.49 10.11 -5.97
C ILE A 131 -18.47 8.59 -5.99
N VAL A 132 -17.49 7.99 -5.30
CA VAL A 132 -17.26 6.55 -5.36
C VAL A 132 -17.42 5.84 -4.02
N SER A 133 -17.68 6.56 -2.94
CA SER A 133 -17.56 5.94 -1.63
C SER A 133 -18.59 4.82 -1.42
N ARG A 134 -19.80 4.95 -1.97
N ARG A 134 -19.78 4.94 -2.00
CA ARG A 134 -20.79 3.89 -1.78
CA ARG A 134 -20.79 3.91 -1.76
C ARG A 134 -20.23 2.55 -2.22
C ARG A 134 -20.32 2.55 -2.28
N ALA A 135 -19.53 2.54 -3.36
CA ALA A 135 -19.07 1.29 -3.95
C ALA A 135 -18.08 0.54 -3.08
N PHE A 136 -17.49 1.22 -2.10
CA PHE A 136 -16.46 0.67 -1.24
C PHE A 136 -16.94 0.43 0.18
N THR A 137 -18.21 0.68 0.47
CA THR A 137 -18.74 0.43 1.79
C THR A 137 -18.83 -1.08 2.08
N PRO A 138 -18.82 -1.45 3.35
CA PRO A 138 -18.88 -2.88 3.70
C PRO A 138 -20.04 -3.63 3.07
N LYS A 139 -21.23 -3.04 3.09
N LYS A 139 -21.23 -3.04 3.09
CA LYS A 139 -22.41 -3.75 2.58
CA LYS A 139 -22.41 -3.74 2.58
C LYS A 139 -22.35 -3.93 1.07
C LYS A 139 -22.33 -3.94 1.07
N VAL A 140 -21.79 -2.96 0.33
CA VAL A 140 -21.71 -3.09 -1.12
C VAL A 140 -20.57 -4.03 -1.51
N VAL A 141 -19.42 -3.90 -0.83
CA VAL A 141 -18.31 -4.81 -1.09
C VAL A 141 -18.69 -6.25 -0.74
N ALA A 142 -19.46 -6.45 0.32
CA ALA A 142 -19.87 -7.81 0.64
C ALA A 142 -20.61 -8.46 -0.53
N ARG A 143 -21.29 -7.68 -1.35
N ARG A 143 -21.31 -7.67 -1.34
N ARG A 143 -21.29 -7.66 -1.34
CA ARG A 143 -22.09 -8.26 -2.42
CA ARG A 143 -22.08 -8.22 -2.44
CA ARG A 143 -22.08 -8.21 -2.44
C ARG A 143 -21.25 -8.76 -3.59
C ARG A 143 -21.20 -8.95 -3.44
C ARG A 143 -21.21 -8.88 -3.50
N ILE A 144 -19.94 -8.52 -3.59
CA ILE A 144 -19.07 -9.06 -4.61
C ILE A 144 -18.21 -10.21 -4.09
N GLU A 145 -18.59 -10.78 -2.94
CA GLU A 145 -17.89 -11.98 -2.45
C GLU A 145 -17.81 -13.03 -3.55
N ALA A 146 -18.93 -13.27 -4.25
CA ALA A 146 -18.92 -14.29 -5.30
C ALA A 146 -17.86 -14.03 -6.34
N ALA A 147 -17.67 -12.77 -6.75
CA ALA A 147 -16.66 -12.47 -7.76
C ALA A 147 -15.26 -12.68 -7.21
N VAL A 148 -15.04 -12.30 -5.96
CA VAL A 148 -13.72 -12.48 -5.35
C VAL A 148 -13.42 -13.98 -5.24
N ARG A 149 -14.39 -14.76 -4.76
N ARG A 149 -14.40 -14.77 -4.79
CA ARG A 149 -14.24 -16.21 -4.67
CA ARG A 149 -14.18 -16.21 -4.66
C ARG A 149 -13.95 -16.83 -6.03
C ARG A 149 -13.99 -16.88 -6.01
N ASP A 150 -14.73 -16.46 -7.05
CA ASP A 150 -14.58 -17.11 -8.35
C ASP A 150 -13.16 -16.90 -8.86
N ARG A 151 -12.65 -15.67 -8.77
N ARG A 151 -12.67 -15.66 -8.79
CA ARG A 151 -11.33 -15.42 -9.33
CA ARG A 151 -11.34 -15.35 -9.28
C ARG A 151 -10.22 -16.04 -8.46
C ARG A 151 -10.27 -16.05 -8.47
N ALA A 152 -10.36 -15.97 -7.13
CA ALA A 152 -9.35 -16.60 -6.28
C ALA A 152 -9.32 -18.11 -6.47
N HIS A 153 -10.51 -18.72 -6.54
CA HIS A 153 -10.57 -20.19 -6.68
C HIS A 153 -9.94 -20.59 -8.02
N ARG A 154 -10.26 -19.87 -9.09
CA ARG A 154 -9.70 -20.17 -10.39
C ARG A 154 -8.19 -19.97 -10.40
N LEU A 155 -7.70 -18.91 -9.74
CA LEU A 155 -6.25 -18.65 -9.71
C LEU A 155 -5.50 -19.77 -8.99
N VAL A 156 -6.03 -20.21 -7.85
CA VAL A 156 -5.37 -21.29 -7.13
C VAL A 156 -5.43 -22.59 -7.94
N SER A 157 -6.59 -22.90 -8.52
N SER A 157 -6.57 -22.88 -8.55
CA SER A 157 -6.68 -24.10 -9.37
CA SER A 157 -6.68 -24.10 -9.34
C SER A 157 -5.67 -24.02 -10.49
C SER A 157 -5.79 -24.05 -10.58
N SER A 158 -5.51 -22.84 -11.08
CA SER A 158 -4.57 -22.69 -12.17
C SER A 158 -3.12 -22.84 -11.73
N MET A 159 -2.80 -22.41 -10.50
N MET A 159 -2.79 -22.39 -10.52
CA MET A 159 -1.44 -22.66 -10.02
CA MET A 159 -1.45 -22.68 -9.99
C MET A 159 -1.14 -24.15 -9.98
C MET A 159 -1.16 -24.16 -10.08
N ILE A 160 -2.15 -24.99 -9.73
CA ILE A 160 -1.97 -26.44 -9.76
C ILE A 160 -1.92 -26.94 -11.20
N ALA A 161 -2.86 -26.49 -12.04
CA ALA A 161 -2.92 -26.99 -13.42
C ALA A 161 -1.75 -26.52 -14.26
N ASN A 162 -1.20 -25.35 -13.96
CA ASN A 162 -0.13 -24.77 -14.78
C ASN A 162 1.26 -25.26 -14.42
N ASN A 163 1.41 -25.93 -13.28
CA ASN A 163 2.72 -26.26 -12.73
C ASN A 163 2.81 -27.73 -12.34
N PRO A 164 3.03 -28.62 -13.31
CA PRO A 164 3.22 -30.03 -12.99
C PRO A 164 4.22 -30.30 -11.90
N ASP A 165 5.29 -29.51 -11.81
CA ASP A 165 6.35 -29.65 -10.81
C ASP A 165 5.96 -29.12 -9.42
N ARG A 166 4.77 -28.58 -9.29
N ARG A 166 4.77 -28.57 -9.28
CA ARG A 166 4.27 -28.06 -8.01
CA ARG A 166 4.27 -28.04 -8.00
C ARG A 166 5.12 -26.89 -7.49
C ARG A 166 5.09 -26.86 -7.48
N GLN A 167 5.65 -26.08 -8.41
CA GLN A 167 6.37 -24.84 -8.06
C GLN A 167 5.69 -23.68 -8.78
N ALA A 168 5.43 -22.61 -8.05
CA ALA A 168 4.80 -21.42 -8.63
C ALA A 168 5.38 -20.16 -8.01
N ASP A 169 5.12 -19.03 -8.65
CA ASP A 169 5.38 -17.71 -8.06
C ASP A 169 4.06 -17.19 -7.49
N LEU A 170 3.97 -17.07 -6.17
CA LEU A 170 2.72 -16.60 -5.59
C LEU A 170 2.33 -15.22 -6.12
N VAL A 171 3.29 -14.35 -6.42
CA VAL A 171 2.92 -12.98 -6.78
C VAL A 171 2.23 -12.95 -8.13
N SER A 172 2.89 -13.47 -9.17
N SER A 172 2.89 -13.47 -9.17
CA SER A 172 2.29 -13.38 -10.50
CA SER A 172 2.31 -13.37 -10.50
C SER A 172 1.05 -14.26 -10.61
C SER A 172 1.13 -14.31 -10.69
N GLU A 173 1.00 -15.37 -9.87
CA GLU A 173 -0.03 -16.38 -10.10
C GLU A 173 -1.24 -16.27 -9.17
N LEU A 174 -1.14 -15.49 -8.10
CA LEU A 174 -2.29 -15.30 -7.22
C LEU A 174 -2.38 -13.90 -6.62
N ALA A 175 -1.34 -13.45 -5.91
CA ALA A 175 -1.46 -12.24 -5.09
C ALA A 175 -1.64 -10.99 -5.94
N GLY A 176 -0.95 -10.91 -7.09
CA GLY A 176 -1.13 -9.83 -8.03
C GLY A 176 -2.46 -9.89 -8.78
N PRO A 177 -2.73 -11.00 -9.46
CA PRO A 177 -3.91 -11.04 -10.35
C PRO A 177 -5.25 -11.02 -9.64
N LEU A 178 -5.35 -11.44 -8.38
CA LEU A 178 -6.65 -11.40 -7.72
C LEU A 178 -7.12 -9.96 -7.49
N PRO A 179 -6.39 -9.12 -6.77
CA PRO A 179 -6.86 -7.72 -6.58
C PRO A 179 -6.96 -6.97 -7.89
N LEU A 180 -6.11 -7.29 -8.87
CA LEU A 180 -6.16 -6.64 -10.17
C LEU A 180 -7.51 -6.85 -10.83
N GLN A 181 -7.96 -8.09 -10.89
CA GLN A 181 -9.23 -8.37 -11.53
C GLN A 181 -10.35 -7.61 -10.85
N ILE A 182 -10.35 -7.62 -9.52
CA ILE A 182 -11.48 -7.06 -8.78
C ILE A 182 -11.58 -5.54 -9.00
N ILE A 183 -10.48 -4.81 -8.83
CA ILE A 183 -10.57 -3.35 -9.03
C ILE A 183 -10.83 -3.03 -10.50
N CYS A 184 -10.21 -3.75 -11.42
CA CYS A 184 -10.41 -3.39 -12.83
C CYS A 184 -11.85 -3.64 -13.25
N ASP A 185 -12.47 -4.71 -12.74
CA ASP A 185 -13.87 -4.95 -13.04
C ASP A 185 -14.74 -3.87 -12.39
N MET A 186 -14.43 -3.45 -11.17
CA MET A 186 -15.19 -2.36 -10.57
C MET A 186 -15.09 -1.10 -11.43
N MET A 187 -13.93 -0.84 -12.01
CA MET A 187 -13.74 0.35 -12.83
C MET A 187 -14.46 0.23 -14.17
N GLY A 188 -14.71 -0.98 -14.65
CA GLY A 188 -15.30 -1.19 -15.95
C GLY A 188 -14.28 -1.39 -17.05
N ILE A 189 -13.08 -1.84 -16.72
CA ILE A 189 -12.01 -2.03 -17.69
C ILE A 189 -12.18 -3.43 -18.29
N PRO A 190 -12.17 -3.58 -19.61
CA PRO A 190 -12.28 -4.93 -20.19
C PRO A 190 -11.11 -5.83 -19.81
N LYS A 191 -11.42 -7.12 -19.59
N LYS A 191 -11.43 -7.12 -19.61
CA LYS A 191 -10.43 -8.11 -19.16
CA LYS A 191 -10.45 -8.11 -19.18
C LYS A 191 -9.17 -8.08 -20.02
C LYS A 191 -9.18 -8.07 -20.02
N ALA A 192 -9.31 -7.93 -21.33
CA ALA A 192 -8.16 -7.94 -22.22
C ALA A 192 -7.12 -6.90 -21.85
N ASP A 193 -7.50 -5.85 -21.15
CA ASP A 193 -6.57 -4.79 -20.80
C ASP A 193 -6.08 -4.86 -19.36
N HIS A 194 -6.50 -5.84 -18.56
CA HIS A 194 -6.11 -5.82 -17.16
C HIS A 194 -4.61 -5.95 -16.99
N GLN A 195 -3.95 -6.83 -17.73
CA GLN A 195 -2.50 -6.96 -17.56
C GLN A 195 -1.77 -5.69 -18.00
N ARG A 196 -2.29 -4.97 -19.00
N ARG A 196 -2.27 -5.00 -19.02
CA ARG A 196 -1.67 -3.70 -19.39
CA ARG A 196 -1.72 -3.70 -19.40
C ARG A 196 -1.81 -2.66 -18.28
C ARG A 196 -1.79 -2.72 -18.24
N ILE A 197 -2.97 -2.61 -17.62
CA ILE A 197 -3.11 -1.75 -16.44
C ILE A 197 -2.10 -2.13 -15.38
N PHE A 198 -1.97 -3.43 -15.12
CA PHE A 198 -1.05 -3.88 -14.06
C PHE A 198 0.39 -3.53 -14.36
N HIS A 199 0.82 -3.67 -15.61
CA HIS A 199 2.19 -3.24 -15.92
C HIS A 199 2.36 -1.76 -15.66
N TRP A 200 1.38 -0.95 -16.02
CA TRP A 200 1.48 0.49 -15.80
C TRP A 200 1.56 0.83 -14.31
N THR A 201 0.70 0.21 -13.49
CA THR A 201 0.73 0.52 -12.06
C THR A 201 1.99 -0.04 -11.40
N ASN A 202 2.50 -1.18 -11.89
CA ASN A 202 3.75 -1.72 -11.39
C ASN A 202 4.89 -0.74 -11.59
N VAL A 203 4.94 -0.08 -12.76
CA VAL A 203 5.98 0.91 -13.02
C VAL A 203 5.76 2.15 -12.15
N ILE A 204 4.52 2.64 -12.10
CA ILE A 204 4.24 3.86 -11.34
C ILE A 204 4.69 3.73 -9.89
N LEU A 205 4.46 2.57 -9.27
N LEU A 205 4.44 2.56 -9.27
CA LEU A 205 4.84 2.40 -7.87
CA LEU A 205 4.83 2.32 -7.89
C LEU A 205 6.10 1.56 -7.69
C LEU A 205 5.99 1.35 -7.75
N GLY A 206 6.86 1.31 -8.76
CA GLY A 206 8.11 0.57 -8.67
C GLY A 206 9.30 1.41 -9.09
N PHE A 207 9.09 2.72 -9.25
CA PHE A 207 10.13 3.53 -9.84
C PHE A 207 11.34 3.61 -8.91
N GLY A 208 12.54 3.38 -9.46
CA GLY A 208 13.77 3.31 -8.70
C GLY A 208 14.27 1.89 -8.49
N ASP A 209 13.40 0.90 -8.66
CA ASP A 209 13.85 -0.48 -8.65
C ASP A 209 14.21 -0.86 -10.09
N PRO A 210 15.45 -1.25 -10.37
CA PRO A 210 15.84 -1.55 -11.76
C PRO A 210 15.02 -2.64 -12.42
N ASP A 211 14.39 -3.53 -11.66
CA ASP A 211 13.54 -4.55 -12.25
C ASP A 211 12.22 -4.00 -12.76
N LEU A 212 11.87 -2.78 -12.35
CA LEU A 212 10.63 -2.13 -12.77
C LEU A 212 10.95 -0.98 -13.73
N ALA A 213 11.57 0.10 -13.25
CA ALA A 213 11.93 1.23 -14.09
C ALA A 213 12.85 2.17 -13.30
N THR A 214 13.83 2.75 -13.99
CA THR A 214 14.68 3.79 -13.41
C THR A 214 14.82 5.00 -14.33
N ASP A 215 14.30 4.97 -15.53
CA ASP A 215 14.38 6.07 -16.48
C ASP A 215 13.09 6.89 -16.35
N PHE A 216 13.24 8.16 -15.97
CA PHE A 216 12.06 8.99 -15.78
C PHE A 216 11.24 9.11 -17.07
N ASP A 217 11.90 9.01 -18.23
CA ASP A 217 11.15 9.07 -19.48
C ASP A 217 10.17 7.93 -19.57
N GLU A 218 10.56 6.74 -19.12
CA GLU A 218 9.63 5.61 -19.14
C GLU A 218 8.51 5.85 -18.14
N PHE A 219 8.82 6.35 -16.96
CA PHE A 219 7.79 6.66 -15.98
C PHE A 219 6.78 7.64 -16.57
N MET A 220 7.24 8.67 -17.27
N MET A 220 7.29 8.70 -17.23
CA MET A 220 6.27 9.63 -17.80
CA MET A 220 6.48 9.69 -17.92
C MET A 220 5.51 9.07 -19.01
C MET A 220 5.56 9.05 -18.95
N GLN A 221 6.12 8.20 -19.80
CA GLN A 221 5.35 7.57 -20.88
C GLN A 221 4.25 6.66 -20.34
N VAL A 222 4.57 5.87 -19.33
CA VAL A 222 3.56 5.04 -18.68
C VAL A 222 2.45 5.93 -18.13
N SER A 223 2.81 6.99 -17.43
CA SER A 223 1.80 7.88 -16.85
C SER A 223 0.91 8.47 -17.94
N ALA A 224 1.51 8.96 -19.03
CA ALA A 224 0.72 9.46 -20.14
C ALA A 224 -0.16 8.39 -20.75
N ASP A 225 0.34 7.16 -20.86
CA ASP A 225 -0.43 6.10 -21.51
C ASP A 225 -1.62 5.68 -20.65
N ILE A 226 -1.44 5.55 -19.34
CA ILE A 226 -2.59 5.19 -18.50
C ILE A 226 -3.57 6.37 -18.41
N GLY A 227 -3.07 7.60 -18.41
CA GLY A 227 -3.97 8.74 -18.47
C GLY A 227 -4.81 8.74 -19.74
N ALA A 228 -4.18 8.45 -20.88
CA ALA A 228 -4.90 8.42 -22.14
C ALA A 228 -5.92 7.28 -22.14
N TYR A 229 -5.55 6.14 -21.56
CA TYR A 229 -6.48 5.03 -21.47
C TYR A 229 -7.70 5.43 -20.66
N ALA A 230 -7.48 6.06 -19.52
CA ALA A 230 -8.57 6.48 -18.66
C ALA A 230 -9.49 7.45 -19.38
N THR A 231 -8.91 8.43 -20.09
CA THR A 231 -9.67 9.43 -20.83
C THR A 231 -10.51 8.78 -21.92
N ALA A 232 -9.94 7.83 -22.65
CA ALA A 232 -10.69 7.17 -23.72
C ALA A 232 -11.84 6.34 -23.16
N LEU A 233 -11.62 5.63 -22.06
CA LEU A 233 -12.69 4.84 -21.46
C LEU A 233 -13.79 5.75 -20.93
N ALA A 234 -13.39 6.85 -20.30
CA ALA A 234 -14.35 7.82 -19.81
C ALA A 234 -15.20 8.40 -20.92
N GLU A 235 -14.57 8.73 -22.05
N GLU A 235 -14.60 8.71 -22.07
CA GLU A 235 -15.30 9.22 -23.21
CA GLU A 235 -15.39 9.26 -23.16
C GLU A 235 -16.36 8.22 -23.66
C GLU A 235 -16.36 8.22 -23.72
N ASP A 236 -15.99 6.94 -23.72
CA ASP A 236 -16.95 5.92 -24.09
C ASP A 236 -18.12 5.91 -23.12
N ARG A 237 -17.84 5.94 -21.82
CA ARG A 237 -18.89 5.84 -20.82
C ARG A 237 -19.75 7.09 -20.75
N ARG A 238 -19.20 8.25 -21.14
N ARG A 238 -19.22 8.23 -21.19
CA ARG A 238 -20.01 9.46 -21.24
CA ARG A 238 -20.00 9.46 -21.23
C ARG A 238 -21.16 9.26 -22.21
C ARG A 238 -21.10 9.39 -22.29
N VAL A 239 -20.88 8.61 -23.35
CA VAL A 239 -21.89 8.43 -24.39
C VAL A 239 -22.80 7.25 -24.09
N ASN A 240 -22.26 6.17 -23.54
CA ASN A 240 -23.01 4.96 -23.18
C ASN A 240 -22.61 4.51 -21.78
N HIS A 241 -23.49 4.80 -20.82
CA HIS A 241 -23.30 4.44 -19.43
C HIS A 241 -23.14 2.92 -19.26
N HIS A 242 -22.21 2.52 -18.40
CA HIS A 242 -22.22 1.19 -17.79
C HIS A 242 -22.31 1.32 -16.28
N ASP A 243 -22.67 0.23 -15.60
N ASP A 243 -22.71 0.22 -15.64
CA ASP A 243 -22.73 0.25 -14.13
CA ASP A 243 -22.67 0.13 -14.17
C ASP A 243 -21.33 -0.03 -13.56
C ASP A 243 -21.22 -0.13 -13.79
N ASP A 244 -20.45 0.96 -13.73
CA ASP A 244 -19.06 0.86 -13.32
C ASP A 244 -18.59 2.20 -12.76
N LEU A 245 -17.41 2.18 -12.14
CA LEU A 245 -16.93 3.40 -11.51
C LEU A 245 -16.47 4.45 -12.51
N THR A 246 -15.98 4.05 -13.67
CA THR A 246 -15.61 5.07 -14.65
C THR A 246 -16.85 5.89 -15.06
N SER A 247 -17.99 5.21 -15.24
CA SER A 247 -19.23 5.93 -15.53
C SER A 247 -19.61 6.87 -14.38
N SER A 248 -19.47 6.41 -13.13
CA SER A 248 -19.73 7.30 -12.00
C SER A 248 -18.86 8.55 -12.06
N LEU A 249 -17.59 8.38 -12.42
CA LEU A 249 -16.68 9.52 -12.46
C LEU A 249 -17.10 10.53 -13.52
N VAL A 250 -17.49 10.08 -14.72
N VAL A 250 -17.50 10.06 -14.71
CA VAL A 250 -17.82 11.02 -15.78
CA VAL A 250 -17.81 10.98 -15.80
C VAL A 250 -19.18 11.66 -15.57
C VAL A 250 -19.20 11.59 -15.64
N GLU A 251 -20.06 11.01 -14.81
CA GLU A 251 -21.41 11.51 -14.59
C GLU A 251 -21.51 12.45 -13.40
N ALA A 252 -20.53 12.44 -12.51
CA ALA A 252 -20.60 13.20 -11.26
C ALA A 252 -20.40 14.68 -11.48
N GLU A 253 -20.91 15.46 -10.53
CA GLU A 253 -20.63 16.89 -10.43
C GLU A 253 -20.10 17.21 -9.04
N VAL A 254 -19.09 18.08 -8.99
N VAL A 254 -19.15 18.13 -8.96
CA VAL A 254 -18.53 18.60 -7.74
CA VAL A 254 -18.67 18.70 -7.70
C VAL A 254 -18.58 20.12 -7.83
C VAL A 254 -18.91 20.19 -7.75
N ASP A 255 -19.17 20.74 -6.81
N ASP A 255 -19.55 20.73 -6.71
CA ASP A 255 -19.38 22.19 -6.84
CA ASP A 255 -19.91 22.14 -6.70
C ASP A 255 -20.04 22.64 -8.14
C ASP A 255 -20.73 22.51 -7.93
N GLY A 256 -20.99 21.85 -8.62
N GLY A 256 -21.38 21.51 -8.53
CA GLY A 256 -21.77 22.21 -9.79
CA GLY A 256 -22.18 21.71 -9.72
C GLY A 256 -21.10 21.98 -11.12
C GLY A 256 -21.45 21.55 -11.03
N GLU A 257 -19.93 21.36 -11.16
N GLU A 257 -20.15 21.29 -11.01
CA GLU A 257 -19.20 21.16 -12.40
CA GLU A 257 -19.35 21.16 -12.22
C GLU A 257 -18.78 19.70 -12.53
C GLU A 257 -18.88 19.72 -12.41
N ARG A 258 -18.94 19.16 -13.72
N ARG A 258 -18.82 19.29 -13.66
CA ARG A 258 -18.35 17.86 -14.03
CA ARG A 258 -18.31 17.96 -13.98
C ARG A 258 -16.86 17.92 -13.74
C ARG A 258 -16.80 17.93 -13.86
N LEU A 259 -16.27 16.75 -13.52
CA LEU A 259 -14.83 16.64 -13.39
C LEU A 259 -14.15 16.92 -14.73
N SER A 260 -12.98 17.54 -14.68
CA SER A 260 -12.20 17.79 -15.87
C SER A 260 -11.50 16.52 -16.30
N SER A 261 -10.87 16.58 -17.48
N SER A 261 -10.91 16.52 -17.49
CA SER A 261 -10.04 15.48 -17.98
CA SER A 261 -10.24 15.29 -17.92
C SER A 261 -9.00 15.08 -16.94
C SER A 261 -9.03 14.96 -17.05
N ARG A 262 -8.22 16.06 -16.48
N ARG A 262 -8.38 15.97 -16.49
CA ARG A 262 -7.18 15.77 -15.50
CA ARG A 262 -7.26 15.70 -15.59
C ARG A 262 -7.76 15.14 -14.24
C ARG A 262 -7.76 15.17 -14.25
N GLU A 263 -8.90 15.64 -13.77
CA GLU A 263 -9.51 15.08 -12.56
C GLU A 263 -9.93 13.64 -12.77
N ILE A 264 -10.55 13.34 -13.92
N ILE A 264 -10.54 13.33 -13.93
CA ILE A 264 -10.95 11.96 -14.24
CA ILE A 264 -10.96 11.96 -14.22
C ILE A 264 -9.73 11.06 -14.29
C ILE A 264 -9.75 11.04 -14.32
N ALA A 265 -8.73 11.44 -15.07
CA ALA A 265 -7.54 10.61 -15.20
C ALA A 265 -6.87 10.39 -13.85
N SER A 266 -6.73 11.43 -13.04
N SER A 266 -6.76 11.42 -13.02
CA SER A 266 -6.09 11.30 -11.74
CA SER A 266 -6.06 11.23 -11.74
C SER A 266 -6.89 10.39 -10.82
C SER A 266 -6.90 10.44 -10.75
N PHE A 267 -8.22 10.48 -10.87
CA PHE A 267 -9.06 9.63 -10.01
C PHE A 267 -8.96 8.18 -10.45
N PHE A 268 -9.05 7.92 -11.75
CA PHE A 268 -8.90 6.57 -12.30
C PHE A 268 -7.56 5.97 -11.90
N ILE A 269 -6.48 6.74 -12.07
CA ILE A 269 -5.14 6.26 -11.75
C ILE A 269 -5.00 5.98 -10.27
N LEU A 270 -5.53 6.86 -9.42
CA LEU A 270 -5.49 6.62 -7.98
C LEU A 270 -6.13 5.29 -7.63
N LEU A 271 -7.30 4.99 -8.22
CA LEU A 271 -8.02 3.79 -7.82
C LEU A 271 -7.31 2.52 -8.30
N VAL A 272 -6.83 2.50 -9.54
CA VAL A 272 -6.17 1.29 -10.01
C VAL A 272 -4.78 1.12 -9.39
N VAL A 273 -4.03 2.21 -9.17
CA VAL A 273 -2.74 2.10 -8.48
C VAL A 273 -2.94 1.55 -7.08
N ALA A 274 -3.83 2.18 -6.31
CA ALA A 274 -4.05 1.73 -4.96
C ALA A 274 -4.57 0.29 -4.95
N GLY A 275 -5.46 -0.06 -5.88
CA GLY A 275 -6.02 -1.39 -5.86
C GLY A 275 -5.05 -2.49 -6.24
N ASN A 276 -4.05 -2.17 -7.06
CA ASN A 276 -3.15 -3.14 -7.61
C ASN A 276 -1.81 -3.26 -6.89
N GLU A 277 -1.46 -2.33 -6.01
CA GLU A 277 -0.09 -2.24 -5.48
C GLU A 277 -0.06 -2.24 -3.95
N THR A 278 -1.07 -2.82 -3.31
CA THR A 278 -1.19 -2.82 -1.87
C THR A 278 -1.58 -4.23 -1.39
N THR A 279 -2.80 -4.69 -1.72
CA THR A 279 -3.27 -5.98 -1.21
C THR A 279 -2.32 -7.09 -1.62
N ARG A 280 -1.79 -7.04 -2.83
CA ARG A 280 -0.91 -8.11 -3.26
C ARG A 280 0.25 -8.30 -2.31
N ASN A 281 0.75 -7.22 -1.73
CA ASN A 281 1.85 -7.32 -0.79
C ASN A 281 1.39 -7.81 0.57
N ALA A 282 0.19 -7.44 1.01
CA ALA A 282 -0.34 -8.07 2.22
C ALA A 282 -0.44 -9.58 2.05
N ILE A 283 -0.98 -10.04 0.93
CA ILE A 283 -1.11 -11.47 0.69
C ILE A 283 0.26 -12.13 0.69
N THR A 284 1.18 -11.59 -0.08
CA THR A 284 2.47 -12.25 -0.22
C THR A 284 3.25 -12.23 1.10
N HIS A 285 3.30 -11.10 1.82
CA HIS A 285 3.91 -11.11 3.14
C HIS A 285 3.18 -12.04 4.09
N GLY A 286 1.88 -12.19 3.91
CA GLY A 286 1.16 -13.13 4.76
C GLY A 286 1.57 -14.59 4.54
N VAL A 287 1.75 -14.99 3.27
CA VAL A 287 2.24 -16.34 3.01
C VAL A 287 3.66 -16.52 3.52
N LEU A 288 4.51 -15.51 3.36
CA LEU A 288 5.85 -15.55 3.93
C LEU A 288 5.79 -15.76 5.44
N ALA A 289 4.90 -15.04 6.12
CA ALA A 289 4.79 -15.19 7.55
C ALA A 289 4.27 -16.57 7.95
N LEU A 290 3.26 -17.09 7.23
CA LEU A 290 2.78 -18.43 7.55
C LEU A 290 3.88 -19.44 7.38
N SER A 291 4.73 -19.23 6.38
CA SER A 291 5.84 -20.13 6.14
C SER A 291 6.87 -20.08 7.26
N ARG A 292 7.10 -18.89 7.83
CA ARG A 292 8.05 -18.75 8.92
C ARG A 292 7.49 -19.19 10.25
N TYR A 293 6.17 -19.12 10.41
CA TYR A 293 5.48 -19.36 11.68
C TYR A 293 4.39 -20.40 11.48
N PRO A 294 4.76 -21.67 11.33
N PRO A 294 4.76 -21.65 11.19
CA PRO A 294 3.76 -22.72 11.04
CA PRO A 294 3.75 -22.63 10.78
C PRO A 294 2.65 -22.84 12.08
C PRO A 294 2.70 -22.92 11.83
N GLU A 295 2.95 -22.60 13.36
N GLU A 295 2.97 -22.64 13.11
CA GLU A 295 1.90 -22.72 14.36
CA GLU A 295 1.93 -22.82 14.10
C GLU A 295 0.78 -21.72 14.09
C GLU A 295 0.78 -21.82 13.90
N GLN A 296 1.08 -20.61 13.44
CA GLN A 296 0.02 -19.66 13.10
C GLN A 296 -0.79 -20.16 11.91
N ARG A 297 -0.14 -20.72 10.89
N ARG A 297 -0.14 -20.74 10.92
CA ARG A 297 -0.89 -21.37 9.83
CA ARG A 297 -0.89 -21.35 9.82
C ARG A 297 -1.85 -22.38 10.40
C ARG A 297 -1.82 -22.43 10.34
N ASP A 298 -1.34 -23.28 11.26
CA ASP A 298 -2.14 -24.37 11.77
C ASP A 298 -3.36 -23.85 12.53
N ARG A 299 -3.18 -22.84 13.36
CA ARG A 299 -4.32 -22.37 14.13
C ARG A 299 -5.37 -21.71 13.24
N TRP A 300 -4.93 -21.01 12.19
CA TRP A 300 -5.90 -20.42 11.28
C TRP A 300 -6.61 -21.49 10.46
N TRP A 301 -5.86 -22.46 9.96
CA TRP A 301 -6.47 -23.50 9.16
C TRP A 301 -7.48 -24.33 9.94
N SER A 302 -7.30 -24.51 11.24
N SER A 302 -7.27 -24.50 11.25
CA SER A 302 -8.24 -25.33 12.01
CA SER A 302 -8.16 -25.28 12.09
C SER A 302 -9.42 -24.52 12.55
C SER A 302 -9.44 -24.53 12.44
N ASP A 303 -9.43 -23.20 12.36
CA ASP A 303 -10.62 -22.40 12.66
C ASP A 303 -10.61 -21.18 11.74
N PHE A 304 -10.85 -21.42 10.46
CA PHE A 304 -10.58 -20.36 9.49
C PHE A 304 -11.51 -19.18 9.69
N ASP A 305 -12.82 -19.44 9.79
CA ASP A 305 -13.78 -18.35 9.86
C ASP A 305 -13.70 -17.65 11.20
N GLY A 306 -13.43 -18.40 12.27
CA GLY A 306 -13.37 -17.80 13.58
C GLY A 306 -12.19 -16.86 13.73
N LEU A 307 -11.03 -17.25 13.17
N LEU A 307 -11.05 -17.25 13.14
CA LEU A 307 -9.85 -16.42 13.32
CA LEU A 307 -9.83 -16.48 13.27
C LEU A 307 -9.70 -15.39 12.21
C LEU A 307 -9.62 -15.47 12.16
N ALA A 308 -10.40 -15.54 11.08
CA ALA A 308 -10.14 -14.66 9.93
C ALA A 308 -10.17 -13.18 10.26
N PRO A 309 -11.10 -12.65 11.03
CA PRO A 309 -11.07 -11.20 11.25
C PRO A 309 -9.76 -10.73 11.84
N THR A 310 -9.27 -11.40 12.90
CA THR A 310 -8.03 -10.97 13.53
C THR A 310 -6.82 -11.36 12.69
N ALA A 311 -6.93 -12.47 11.93
CA ALA A 311 -5.78 -12.90 11.13
C ALA A 311 -5.48 -11.93 10.01
N VAL A 312 -6.54 -11.47 9.30
CA VAL A 312 -6.35 -10.50 8.24
C VAL A 312 -5.71 -9.24 8.78
N GLU A 313 -6.19 -8.75 9.92
CA GLU A 313 -5.65 -7.50 10.45
C GLU A 313 -4.20 -7.69 10.90
N GLU A 314 -3.87 -8.84 11.46
CA GLU A 314 -2.48 -9.05 11.85
C GLU A 314 -1.58 -9.13 10.62
N ILE A 315 -2.07 -9.70 9.54
CA ILE A 315 -1.27 -9.73 8.32
C ILE A 315 -1.00 -8.31 7.83
N VAL A 316 -2.00 -7.43 7.94
CA VAL A 316 -1.78 -6.03 7.52
C VAL A 316 -0.81 -5.32 8.44
N ARG A 317 -0.95 -5.48 9.76
CA ARG A 317 0.00 -4.89 10.70
C ARG A 317 1.41 -5.37 10.40
N TRP A 318 1.54 -6.69 10.19
CA TRP A 318 2.86 -7.29 10.00
C TRP A 318 3.50 -6.80 8.70
N ALA A 319 2.72 -6.80 7.62
CA ALA A 319 3.23 -6.41 6.31
C ALA A 319 3.43 -4.91 6.14
N SER A 320 2.60 -4.09 6.79
CA SER A 320 2.50 -2.65 6.54
C SER A 320 2.78 -2.31 5.08
N PRO A 321 1.87 -2.74 4.19
CA PRO A 321 2.13 -2.59 2.74
C PRO A 321 2.47 -1.20 2.28
N VAL A 322 1.85 -0.20 2.90
CA VAL A 322 2.19 1.20 2.67
C VAL A 322 3.09 1.63 3.83
N VAL A 323 4.33 1.98 3.48
CA VAL A 323 5.38 2.21 4.48
C VAL A 323 5.17 3.52 5.21
N TYR A 324 4.81 4.57 4.47
CA TYR A 324 4.64 5.90 5.03
C TYR A 324 3.69 6.69 4.13
N MET A 325 3.19 7.81 4.67
CA MET A 325 2.59 8.87 3.89
C MET A 325 3.14 10.20 4.41
N ARG A 326 3.19 11.19 3.53
N ARG A 326 3.17 11.21 3.55
CA ARG A 326 3.66 12.54 3.87
CA ARG A 326 3.71 12.51 3.92
C ARG A 326 2.49 13.49 4.11
C ARG A 326 2.58 13.53 4.02
N ARG A 327 2.78 14.50 4.89
CA ARG A 327 1.90 15.64 5.09
C ARG A 327 2.76 16.91 5.04
N THR A 328 2.11 18.07 5.03
CA THR A 328 2.80 19.36 5.01
C THR A 328 2.14 20.26 6.05
N LEU A 329 2.95 20.85 6.92
CA LEU A 329 2.38 21.65 8.01
C LEU A 329 1.77 22.94 7.49
N THR A 330 0.60 23.31 8.03
CA THR A 330 -0.01 24.60 7.71
C THR A 330 0.28 25.65 8.78
N GLN A 331 0.87 25.23 9.91
CA GLN A 331 1.22 26.12 10.99
C GLN A 331 2.39 25.51 11.74
N ASP A 332 3.09 26.33 12.52
CA ASP A 332 4.14 25.83 13.40
C ASP A 332 3.53 24.93 14.47
N ILE A 333 4.26 23.86 14.81
N ILE A 333 4.24 23.84 14.79
CA ILE A 333 3.90 22.99 15.93
CA ILE A 333 3.77 22.92 15.83
C ILE A 333 5.16 22.58 16.68
C ILE A 333 4.98 22.30 16.53
N GLU A 334 4.97 21.88 17.79
N GLU A 334 4.84 22.06 17.83
CA GLU A 334 6.06 21.23 18.51
CA GLU A 334 5.81 21.28 18.60
C GLU A 334 5.59 19.87 18.96
C GLU A 334 5.14 19.95 18.97
N LEU A 335 6.38 18.84 18.68
N LEU A 335 5.76 18.85 18.53
CA LEU A 335 6.15 17.50 19.20
CA LEU A 335 5.31 17.50 18.86
C LEU A 335 7.46 16.98 19.80
C LEU A 335 6.46 16.77 19.54
N ARG A 336 7.36 16.42 21.01
N ARG A 336 6.19 16.15 20.68
CA ARG A 336 8.51 15.81 21.69
CA ARG A 336 7.20 15.37 21.40
C ARG A 336 9.71 16.75 21.73
C ARG A 336 8.48 16.18 21.58
N GLY A 337 9.43 18.03 21.98
N GLY A 337 8.31 17.46 21.90
CA GLY A 337 10.47 19.03 22.06
CA GLY A 337 9.43 18.33 22.18
C GLY A 337 11.06 19.46 20.74
C GLY A 337 10.24 18.76 20.98
N THR A 338 10.54 18.96 19.63
N THR A 338 9.76 18.50 19.76
CA THR A 338 11.03 19.36 18.31
CA THR A 338 10.45 18.90 18.55
C THR A 338 10.04 20.32 17.68
C THR A 338 9.62 19.96 17.84
N LYS A 339 10.50 21.55 17.46
N LYS A 339 10.22 21.13 17.60
CA LYS A 339 9.67 22.58 16.83
CA LYS A 339 9.56 22.20 16.89
C LYS A 339 9.76 22.43 15.31
C LYS A 339 9.68 21.99 15.39
N MET A 340 8.62 22.19 14.68
N MET A 340 8.59 22.30 14.68
CA MET A 340 8.51 22.08 13.24
CA MET A 340 8.51 22.08 13.24
C MET A 340 7.74 23.29 12.72
C MET A 340 7.65 23.20 12.65
N ALA A 341 8.10 23.73 11.52
CA ALA A 341 7.58 24.99 11.00
C ALA A 341 6.50 24.82 9.94
N ALA A 342 5.59 25.80 9.88
CA ALA A 342 4.65 25.85 8.77
C ALA A 342 5.41 25.72 7.46
N GLY A 343 4.87 24.90 6.57
CA GLY A 343 5.49 24.60 5.31
C GLY A 343 6.39 23.39 5.29
N ASP A 344 6.80 22.89 6.46
CA ASP A 344 7.72 21.75 6.50
C ASP A 344 7.00 20.46 6.15
N LYS A 345 7.73 19.54 5.54
CA LYS A 345 7.23 18.20 5.29
C LYS A 345 7.34 17.33 6.53
N VAL A 346 6.36 16.46 6.71
CA VAL A 346 6.31 15.52 7.82
C VAL A 346 6.00 14.15 7.22
N SER A 347 6.76 13.13 7.59
CA SER A 347 6.53 11.77 7.11
C SER A 347 6.00 10.88 8.26
N LEU A 348 4.95 10.11 7.96
N LEU A 348 4.99 10.06 7.95
CA LEU A 348 4.28 9.27 8.94
CA LEU A 348 4.28 9.27 8.96
C LEU A 348 4.68 7.83 8.62
C LEU A 348 4.57 7.81 8.71
N TRP A 349 5.48 7.23 9.51
CA TRP A 349 6.03 5.89 9.23
C TRP A 349 5.14 4.81 9.83
N TYR A 350 4.15 4.36 9.04
CA TYR A 350 3.25 3.30 9.50
C TYR A 350 4.00 2.03 9.85
N CYS A 351 5.07 1.73 9.08
CA CYS A 351 5.83 0.52 9.35
C CYS A 351 6.39 0.51 10.76
N SER A 352 6.73 1.68 11.30
CA SER A 352 7.27 1.84 12.64
C SER A 352 6.16 1.93 13.68
N ALA A 353 5.10 2.67 13.39
CA ALA A 353 3.97 2.74 14.31
C ALA A 353 3.49 1.32 14.63
N ASN A 354 3.51 0.43 13.62
CA ASN A 354 3.02 -0.94 13.73
C ASN A 354 4.00 -1.88 14.43
N ARG A 355 5.10 -1.35 14.98
CA ARG A 355 5.97 -2.10 15.88
C ARG A 355 6.20 -1.35 17.18
N ASP A 356 5.41 -0.32 17.48
CA ASP A 356 5.67 0.54 18.63
C ASP A 356 5.26 -0.15 19.92
N GLU A 357 6.25 -0.43 20.77
CA GLU A 357 6.01 -1.12 22.03
C GLU A 357 5.13 -0.31 22.97
N SER A 358 5.02 1.00 22.75
CA SER A 358 4.14 1.80 23.59
C SER A 358 2.67 1.49 23.33
N LYS A 359 2.35 0.92 22.17
N LYS A 359 2.35 0.95 22.16
CA LYS A 359 0.97 0.66 21.78
CA LYS A 359 1.00 0.63 21.79
C LYS A 359 0.65 -0.82 21.61
C LYS A 359 0.72 -0.86 21.83
N PHE A 360 1.63 -1.66 21.30
CA PHE A 360 1.40 -3.07 21.10
C PHE A 360 2.13 -3.87 22.14
N ALA A 361 1.40 -4.74 22.82
CA ALA A 361 2.01 -5.84 23.56
C ALA A 361 2.70 -6.77 22.58
N ASP A 362 3.96 -7.06 22.83
CA ASP A 362 4.69 -8.07 22.08
C ASP A 362 4.65 -7.76 20.59
N PRO A 363 5.13 -6.59 20.16
CA PRO A 363 4.99 -6.21 18.74
C PRO A 363 5.72 -7.11 17.76
N TRP A 364 6.73 -7.85 18.22
CA TRP A 364 7.52 -8.74 17.39
C TRP A 364 6.92 -10.14 17.30
N THR A 365 5.74 -10.33 17.87
CA THR A 365 5.01 -11.59 17.76
C THR A 365 3.95 -11.45 16.67
N PHE A 366 4.00 -12.35 15.69
CA PHE A 366 2.98 -12.49 14.64
C PHE A 366 1.90 -13.39 15.19
N ASP A 367 0.77 -12.79 15.59
CA ASP A 367 -0.27 -13.48 16.37
C ASP A 367 -1.60 -13.30 15.64
N LEU A 368 -2.06 -14.33 14.92
CA LEU A 368 -3.24 -14.18 14.12
C LEU A 368 -4.51 -14.01 14.97
N ALA A 369 -4.42 -14.21 16.28
CA ALA A 369 -5.54 -13.97 17.20
C ALA A 369 -5.44 -12.60 17.87
N ARG A 370 -4.48 -11.77 17.47
CA ARG A 370 -4.22 -10.53 18.18
C ARG A 370 -5.48 -9.69 18.32
N ASN A 371 -5.84 -9.36 19.54
N ASN A 371 -5.74 -9.27 19.55
CA ASN A 371 -7.05 -8.59 19.76
CA ASN A 371 -6.87 -8.45 19.95
C ASN A 371 -6.96 -7.90 21.11
C ASN A 371 -6.47 -7.72 21.23
N PRO A 372 -7.04 -6.56 21.18
N PRO A 372 -6.59 -6.37 21.30
CA PRO A 372 -7.21 -5.65 20.06
CA PRO A 372 -7.00 -5.45 20.25
C PRO A 372 -5.97 -5.56 19.16
C PRO A 372 -5.88 -5.35 19.25
N ASN A 373 -6.13 -4.84 18.06
CA ASN A 373 -5.07 -4.65 17.06
C ASN A 373 -5.28 -3.33 16.37
N PRO A 374 -4.89 -2.25 17.01
CA PRO A 374 -5.17 -0.91 16.49
C PRO A 374 -4.12 -0.44 15.50
N HIS A 375 -3.75 -1.33 14.58
CA HIS A 375 -2.66 -1.02 13.67
C HIS A 375 -3.04 0.12 12.73
N LEU A 376 -1.99 0.77 12.21
CA LEU A 376 -2.11 1.89 11.29
C LEU A 376 -1.74 1.50 9.86
N GLY A 377 -1.91 0.22 9.52
CA GLY A 377 -1.60 -0.19 8.16
C GLY A 377 -2.47 0.47 7.10
N PHE A 378 -3.71 0.81 7.45
CA PHE A 378 -4.60 1.59 6.60
C PHE A 378 -4.56 3.07 6.94
N GLY A 379 -3.55 3.48 7.69
CA GLY A 379 -3.38 4.84 8.15
C GLY A 379 -3.94 5.03 9.54
N GLY A 380 -3.80 6.25 10.04
CA GLY A 380 -4.19 6.61 11.38
C GLY A 380 -5.65 6.93 11.57
N GLY A 381 -6.43 6.83 10.51
CA GLY A 381 -7.83 7.20 10.59
C GLY A 381 -8.07 8.61 10.13
N GLY A 382 -9.34 8.97 10.13
CA GLY A 382 -9.71 10.32 9.76
C GLY A 382 -10.02 10.46 8.28
N ALA A 383 -9.75 11.66 7.77
CA ALA A 383 -10.35 12.07 6.50
C ALA A 383 -9.93 11.20 5.32
N HIS A 384 -8.68 10.72 5.32
CA HIS A 384 -8.18 9.92 4.17
C HIS A 384 -8.11 8.41 4.47
N PHE A 385 -8.77 7.94 5.53
CA PHE A 385 -8.66 6.52 5.84
C PHE A 385 -8.93 5.66 4.61
N CYS A 386 -8.07 4.66 4.41
CA CYS A 386 -8.09 3.85 3.20
C CYS A 386 -9.49 3.56 2.68
N LEU A 387 -9.79 4.08 1.48
CA LEU A 387 -11.09 3.82 0.85
C LEU A 387 -11.30 2.34 0.59
N GLY A 388 -10.22 1.65 0.27
CA GLY A 388 -10.28 0.25 -0.11
C GLY A 388 -10.21 -0.73 1.03
N ALA A 389 -10.29 -0.30 2.29
CA ALA A 389 -9.96 -1.21 3.38
C ALA A 389 -10.90 -2.42 3.42
N ASN A 390 -12.21 -2.22 3.24
CA ASN A 390 -13.14 -3.35 3.24
C ASN A 390 -12.87 -4.31 2.08
N LEU A 391 -12.60 -3.74 0.89
CA LEU A 391 -12.23 -4.56 -0.27
C LEU A 391 -10.95 -5.35 -0.01
N ALA A 392 -9.94 -4.69 0.56
CA ALA A 392 -8.66 -5.35 0.83
C ALA A 392 -8.84 -6.49 1.82
N ARG A 393 -9.57 -6.25 2.91
CA ARG A 393 -9.77 -7.30 3.91
C ARG A 393 -10.41 -8.52 3.29
N ARG A 394 -11.39 -8.31 2.41
CA ARG A 394 -12.11 -9.39 1.76
C ARG A 394 -11.20 -10.13 0.77
N GLU A 395 -10.43 -9.38 -0.03
CA GLU A 395 -9.46 -9.99 -0.93
C GLU A 395 -8.50 -10.91 -0.18
N ILE A 396 -7.98 -10.42 0.95
CA ILE A 396 -7.01 -11.18 1.73
C ILE A 396 -7.66 -12.43 2.29
N ARG A 397 -8.83 -12.27 2.91
N ARG A 397 -8.80 -12.27 2.95
CA ARG A 397 -9.48 -13.41 3.54
CA ARG A 397 -9.45 -13.44 3.53
C ARG A 397 -9.79 -14.50 2.53
C ARG A 397 -9.67 -14.51 2.47
N VAL A 398 -10.27 -14.12 1.34
CA VAL A 398 -10.64 -15.11 0.34
C VAL A 398 -9.41 -15.79 -0.23
N ALA A 399 -8.34 -15.02 -0.47
CA ALA A 399 -7.12 -15.63 -1.00
C ALA A 399 -6.59 -16.71 -0.07
N PHE A 400 -6.53 -16.42 1.24
CA PHE A 400 -6.04 -17.42 2.17
C PHE A 400 -7.00 -18.61 2.31
N ASP A 401 -8.31 -18.35 2.25
N ASP A 401 -8.31 -18.37 2.25
CA ASP A 401 -9.27 -19.44 2.34
CA ASP A 401 -9.26 -19.48 2.34
C ASP A 401 -9.12 -20.41 1.17
C ASP A 401 -9.10 -20.43 1.17
N GLU A 402 -8.88 -19.87 -0.03
CA GLU A 402 -8.71 -20.71 -1.20
C GLU A 402 -7.39 -21.49 -1.17
N LEU A 403 -6.33 -20.86 -0.65
CA LEU A 403 -5.08 -21.61 -0.44
C LEU A 403 -5.31 -22.72 0.58
N ARG A 404 -5.91 -22.40 1.71
CA ARG A 404 -6.18 -23.40 2.74
C ARG A 404 -6.94 -24.59 2.17
N ARG A 405 -7.98 -24.33 1.38
N ARG A 405 -7.98 -24.31 1.37
CA ARG A 405 -8.82 -25.42 0.93
CA ARG A 405 -8.92 -25.33 0.95
C ARG A 405 -8.11 -26.26 -0.15
C ARG A 405 -8.34 -26.25 -0.12
N GLN A 406 -7.46 -25.61 -1.12
N GLN A 406 -7.44 -25.73 -0.97
CA GLN A 406 -6.93 -26.32 -2.28
CA GLN A 406 -6.98 -26.43 -2.16
C GLN A 406 -5.53 -26.87 -2.06
C GLN A 406 -5.51 -26.80 -2.16
N MET A 407 -4.67 -26.14 -1.35
CA MET A 407 -3.26 -26.50 -1.23
C MET A 407 -2.82 -26.09 0.16
N PRO A 408 -3.33 -26.78 1.19
CA PRO A 408 -3.16 -26.26 2.56
C PRO A 408 -1.72 -26.16 3.02
N ASP A 409 -0.79 -26.94 2.46
CA ASP A 409 0.59 -26.89 2.90
C ASP A 409 1.45 -25.97 2.05
N VAL A 410 0.83 -25.09 1.27
CA VAL A 410 1.58 -24.13 0.45
C VAL A 410 2.60 -23.38 1.30
N VAL A 411 3.83 -23.30 0.80
CA VAL A 411 4.93 -22.74 1.58
C VAL A 411 5.94 -22.09 0.65
N ALA A 412 6.55 -21.01 1.12
CA ALA A 412 7.62 -20.38 0.36
C ALA A 412 8.83 -21.28 0.32
N THR A 413 9.52 -21.27 -0.82
CA THR A 413 10.72 -22.07 -0.99
C THR A 413 11.97 -21.22 -1.21
N GLU A 414 11.81 -19.92 -1.42
CA GLU A 414 12.92 -18.99 -1.47
C GLU A 414 12.49 -17.74 -0.73
N GLU A 415 13.48 -17.04 -0.18
CA GLU A 415 13.20 -15.72 0.38
C GLU A 415 12.72 -14.78 -0.72
N PRO A 416 11.89 -13.81 -0.38
CA PRO A 416 11.31 -12.93 -1.41
C PRO A 416 12.34 -12.10 -2.15
N ALA A 417 12.09 -11.85 -3.43
CA ALA A 417 12.73 -10.73 -4.11
C ALA A 417 12.00 -9.46 -3.71
N ARG A 418 12.66 -8.59 -2.96
N ARG A 418 12.65 -8.56 -2.99
CA ARG A 418 12.01 -7.41 -2.39
CA ARG A 418 11.97 -7.42 -2.36
C ARG A 418 12.05 -6.22 -3.35
C ARG A 418 12.08 -6.17 -3.22
N LEU A 419 10.94 -5.50 -3.42
CA LEU A 419 10.92 -4.27 -4.19
C LEU A 419 11.81 -3.24 -3.51
N LEU A 420 12.59 -2.52 -4.31
CA LEU A 420 13.41 -1.43 -3.79
C LEU A 420 12.55 -0.17 -3.77
N SER A 421 11.99 0.14 -2.60
CA SER A 421 11.06 1.25 -2.46
C SER A 421 11.05 1.74 -1.02
N GLN A 422 10.89 3.05 -0.84
N GLN A 422 10.94 3.07 -0.87
CA GLN A 422 10.73 3.60 0.53
CA GLN A 422 10.74 3.75 0.40
C GLN A 422 9.25 3.86 0.82
C GLN A 422 9.27 3.79 0.80
N PHE A 423 8.35 3.60 -0.15
CA PHE A 423 6.93 3.87 0.01
C PHE A 423 6.07 2.62 0.11
N ILE A 424 6.46 1.55 -0.58
CA ILE A 424 5.65 0.35 -0.73
C ILE A 424 6.50 -0.83 -0.26
N HIS A 425 5.96 -1.65 0.66
CA HIS A 425 6.68 -2.82 1.17
C HIS A 425 6.42 -4.00 0.24
N GLY A 426 7.03 -3.93 -0.93
CA GLY A 426 6.67 -4.80 -2.02
C GLY A 426 7.50 -6.07 -2.09
N ILE A 427 6.85 -7.13 -2.56
CA ILE A 427 7.54 -8.36 -2.93
C ILE A 427 7.31 -8.56 -4.40
N LYS A 428 8.39 -8.70 -5.17
CA LYS A 428 8.27 -8.87 -6.60
C LYS A 428 7.94 -10.31 -6.98
N THR A 429 8.59 -11.27 -6.32
N THR A 429 8.57 -11.27 -6.31
CA THR A 429 8.37 -12.69 -6.54
CA THR A 429 8.41 -12.71 -6.57
C THR A 429 8.48 -13.43 -5.21
C THR A 429 8.53 -13.47 -5.25
N LEU A 430 7.71 -14.51 -5.09
CA LEU A 430 7.79 -15.40 -3.94
C LEU A 430 7.54 -16.82 -4.40
N PRO A 431 8.60 -17.57 -4.70
CA PRO A 431 8.42 -18.99 -5.07
C PRO A 431 7.77 -19.77 -3.94
N VAL A 432 6.77 -20.58 -4.30
CA VAL A 432 6.09 -21.45 -3.35
C VAL A 432 5.98 -22.86 -3.93
N THR A 433 5.69 -23.82 -3.05
CA THR A 433 5.41 -25.20 -3.43
C THR A 433 4.32 -25.73 -2.51
N TRP A 434 3.79 -26.90 -2.88
CA TRP A 434 2.72 -27.56 -2.13
C TRP A 434 2.77 -29.03 -2.50
N SER A 435 2.10 -29.85 -1.70
N SER A 435 2.07 -29.84 -1.71
CA SER A 435 2.15 -31.29 -1.98
CA SER A 435 2.03 -31.28 -1.93
C SER A 435 0.93 -31.78 -2.75
C SER A 435 0.89 -31.62 -2.89
#